data_7FRG
#
_entry.id   7FRG
#
_cell.length_a   89.514
_cell.length_b   89.514
_cell.length_c   106.257
_cell.angle_alpha   90.000
_cell.angle_beta   90.000
_cell.angle_gamma   120.000
#
_symmetry.space_group_name_H-M   'P 31 2 1'
#
loop_
_entity.id
_entity.type
_entity.pdbx_description
1 polymer 'Tyrosine-protein phosphatase non-receptor type 1'
2 non-polymer 2-AMINO-2-HYDROXYMETHYL-PROPANE-1,3-DIOL
3 non-polymer ~{N},~{N},5,6-tetramethylthieno[2,3-d]pyrimidin-4-amine
4 water water
#
_entity_poly.entity_id   1
_entity_poly.type   'polypeptide(L)'
_entity_poly.pdbx_seq_one_letter_code
;MEMEKEFEQIDKSGSWAAIYQDIRHEASDFPSRVAKLPKNKNRNRYRDVSPFDHSRIKLHQEDNDYINASLIKMEEAQRS
YILTQGPLPNTVGHFWEMVWEQKSRGVVMLNRVMEKGSLKCAQYWPQKEEKEMIFEDTNLKLTLISEDIKSYYTVRQLEL
ENLTTQETREILHFHYTTWPDFGVPESPASFLNFLFKVRESGSLSPEHGPVVVHCSAGIGRSGTFCLADTCLLLMDKRKD
PSSVDIKKVLLEMRKFRMGLIQTADQLRFSYLAVIEGAKFIMGDSSVQDQWKELSHEDLEPPPEHIPPPPRPPKRILEPH
N
;
_entity_poly.pdbx_strand_id   A
#
loop_
_chem_comp.id
_chem_comp.type
_chem_comp.name
_chem_comp.formula
GV1 non-polymer ~{N},~{N},5,6-tetramethylthieno[2,3-d]pyrimidin-4-amine 'C10 H13 N3 S'
TRS non-polymer 2-AMINO-2-HYDROXYMETHYL-PROPANE-1,3-DIOL 'C4 H12 N O3 1'
#
# COMPACT_ATOMS: atom_id res chain seq x y z
N GLU A 2 -0.08 23.99 -12.91
CA GLU A 2 -0.05 23.63 -11.46
C GLU A 2 -1.37 22.94 -11.05
N MET A 3 -1.27 21.88 -10.24
N MET A 3 -1.27 21.88 -10.24
CA MET A 3 -2.41 20.99 -9.89
CA MET A 3 -2.41 20.99 -9.89
C MET A 3 -3.46 21.75 -9.07
C MET A 3 -3.45 21.76 -9.07
N GLU A 4 -3.03 22.65 -8.18
CA GLU A 4 -3.94 23.47 -7.35
C GLU A 4 -5.01 24.10 -8.24
N LYS A 5 -4.62 24.58 -9.42
CA LYS A 5 -5.50 25.29 -10.38
C LYS A 5 -6.33 24.25 -11.12
N GLU A 6 -5.67 23.16 -11.55
CA GLU A 6 -6.31 21.96 -12.16
C GLU A 6 -7.37 21.41 -11.20
N PHE A 7 -7.08 21.44 -9.89
CA PHE A 7 -8.01 20.96 -8.83
C PHE A 7 -9.30 21.80 -8.88
N GLU A 8 -9.16 23.13 -8.80
CA GLU A 8 -10.32 24.07 -8.79
C GLU A 8 -11.12 23.91 -10.09
N GLN A 9 -10.43 23.80 -11.23
CA GLN A 9 -11.06 23.59 -12.57
C GLN A 9 -11.95 22.35 -12.51
N ILE A 10 -11.39 21.20 -12.13
CA ILE A 10 -12.13 19.91 -12.13
C ILE A 10 -13.27 20.03 -11.11
N ASP A 11 -13.00 20.65 -9.96
CA ASP A 11 -13.97 20.75 -8.84
C ASP A 11 -15.14 21.65 -9.28
N LYS A 12 -14.85 22.89 -9.69
CA LYS A 12 -15.86 23.87 -10.15
C LYS A 12 -16.67 23.29 -11.31
N SER A 13 -16.05 22.56 -12.23
CA SER A 13 -16.76 21.89 -13.36
C SER A 13 -17.38 20.55 -12.94
N GLY A 14 -17.16 20.06 -11.71
CA GLY A 14 -17.50 18.69 -11.25
C GLY A 14 -17.12 17.59 -12.26
N SER A 15 -15.89 17.59 -12.78
CA SER A 15 -15.41 16.66 -13.82
C SER A 15 -14.64 15.44 -13.25
N TRP A 16 -14.69 15.17 -11.94
CA TRP A 16 -13.89 14.08 -11.30
C TRP A 16 -14.20 12.74 -11.94
N ALA A 17 -15.48 12.41 -12.13
CA ALA A 17 -15.89 11.12 -12.73
C ALA A 17 -15.36 11.01 -14.16
N ALA A 18 -15.23 12.14 -14.87
CA ALA A 18 -14.72 12.19 -16.26
C ALA A 18 -13.21 11.96 -16.30
N ILE A 19 -12.44 12.72 -15.53
CA ILE A 19 -10.97 12.51 -15.37
C ILE A 19 -10.73 11.04 -15.03
N TYR A 20 -11.47 10.52 -14.05
CA TYR A 20 -11.25 9.16 -13.52
C TYR A 20 -11.44 8.14 -14.66
N GLN A 21 -12.47 8.31 -15.48
CA GLN A 21 -12.75 7.42 -16.63
C GLN A 21 -11.61 7.49 -17.66
N ASP A 22 -11.04 8.67 -17.92
CA ASP A 22 -9.90 8.75 -18.89
C ASP A 22 -8.71 7.96 -18.34
N ILE A 23 -8.51 7.98 -17.02
CA ILE A 23 -7.42 7.18 -16.39
C ILE A 23 -7.72 5.69 -16.57
N ARG A 24 -8.94 5.27 -16.30
CA ARG A 24 -9.39 3.86 -16.50
C ARG A 24 -9.06 3.43 -17.93
N HIS A 25 -9.41 4.27 -18.91
N HIS A 25 -9.38 4.25 -18.92
CA HIS A 25 -9.28 4.02 -20.36
CA HIS A 25 -9.27 3.87 -20.36
C HIS A 25 -7.79 3.85 -20.73
C HIS A 25 -7.79 3.86 -20.80
N GLU A 26 -6.94 4.75 -20.23
CA GLU A 26 -5.51 4.86 -20.59
C GLU A 26 -4.66 3.80 -19.86
N ALA A 27 -5.19 3.17 -18.80
CA ALA A 27 -4.43 2.26 -17.91
C ALA A 27 -3.94 1.03 -18.67
N SER A 28 -2.77 0.57 -18.30
CA SER A 28 -2.07 -0.61 -18.87
C SER A 28 -2.90 -1.85 -18.60
N ASP A 29 -2.73 -2.87 -19.44
CA ASP A 29 -3.34 -4.19 -19.21
C ASP A 29 -2.28 -5.22 -19.55
N PHE A 30 -1.87 -6.00 -18.56
CA PHE A 30 -0.81 -7.01 -18.77
C PHE A 30 -1.42 -8.33 -18.35
N PRO A 31 -0.86 -9.43 -18.83
CA PRO A 31 -1.33 -10.72 -18.40
C PRO A 31 -1.17 -10.95 -16.89
N SER A 32 -2.14 -11.68 -16.33
N SER A 32 -2.11 -11.70 -16.32
CA SER A 32 -2.19 -12.17 -14.92
CA SER A 32 -2.11 -12.18 -14.92
C SER A 32 -2.47 -13.68 -14.94
C SER A 32 -2.46 -13.67 -14.93
N ARG A 33 -1.63 -14.45 -15.62
CA ARG A 33 -1.87 -15.90 -15.87
C ARG A 33 -1.64 -16.65 -14.57
N VAL A 34 -0.57 -16.34 -13.85
CA VAL A 34 -0.29 -17.12 -12.62
C VAL A 34 -1.47 -16.98 -11.63
N ALA A 35 -2.00 -15.78 -11.45
CA ALA A 35 -3.12 -15.47 -10.53
C ALA A 35 -4.33 -16.35 -10.87
N LYS A 36 -4.56 -16.64 -12.15
CA LYS A 36 -5.82 -17.27 -12.62
C LYS A 36 -5.68 -18.80 -12.64
N LEU A 37 -4.52 -19.37 -12.35
CA LEU A 37 -4.39 -20.84 -12.28
C LEU A 37 -5.34 -21.35 -11.19
N PRO A 38 -6.02 -22.49 -11.43
CA PRO A 38 -7.01 -23.03 -10.49
C PRO A 38 -6.45 -23.34 -9.08
N LYS A 39 -5.21 -23.80 -8.99
CA LYS A 39 -4.53 -24.05 -7.70
C LYS A 39 -4.31 -22.75 -6.91
N ASN A 40 -4.58 -21.56 -7.46
CA ASN A 40 -4.30 -20.28 -6.77
C ASN A 40 -5.63 -19.62 -6.42
N LYS A 41 -6.76 -20.27 -6.69
CA LYS A 41 -8.07 -19.63 -6.55
C LYS A 41 -8.28 -19.21 -5.08
N ASN A 42 -7.86 -20.03 -4.14
CA ASN A 42 -8.11 -19.74 -2.71
C ASN A 42 -6.97 -18.85 -2.16
N ARG A 43 -6.05 -18.37 -3.01
CA ARG A 43 -4.98 -17.43 -2.57
C ARG A 43 -5.41 -16.01 -2.90
N ASN A 44 -6.58 -15.83 -3.52
CA ASN A 44 -7.06 -14.49 -3.96
C ASN A 44 -8.34 -14.14 -3.22
N ARG A 45 -8.41 -12.95 -2.65
CA ARG A 45 -9.60 -12.50 -1.92
C ARG A 45 -10.68 -12.14 -2.93
N TYR A 46 -10.34 -11.47 -4.02
CA TYR A 46 -11.29 -10.96 -5.05
C TYR A 46 -10.87 -11.51 -6.41
N ARG A 47 -11.85 -12.03 -7.17
CA ARG A 47 -11.54 -12.73 -8.44
C ARG A 47 -11.14 -11.69 -9.49
N ASP A 48 -11.54 -10.42 -9.34
CA ASP A 48 -11.22 -9.34 -10.32
C ASP A 48 -10.01 -8.50 -9.88
N VAL A 49 -9.25 -8.89 -8.84
CA VAL A 49 -8.01 -8.17 -8.43
C VAL A 49 -6.83 -9.12 -8.40
N SER A 50 -6.00 -8.99 -9.41
CA SER A 50 -4.90 -9.92 -9.70
C SER A 50 -3.64 -9.13 -9.91
N PRO A 51 -2.50 -9.64 -9.42
CA PRO A 51 -1.22 -9.08 -9.77
C PRO A 51 -0.90 -9.46 -11.24
N PHE A 52 -0.28 -8.54 -11.96
CA PHE A 52 0.31 -8.83 -13.29
C PHE A 52 1.44 -9.82 -13.10
N ASP A 53 1.66 -10.72 -14.06
CA ASP A 53 2.78 -11.68 -13.96
C ASP A 53 4.13 -10.93 -13.87
N HIS A 54 4.31 -9.82 -14.58
CA HIS A 54 5.67 -9.24 -14.73
C HIS A 54 6.12 -8.62 -13.39
N SER A 55 5.21 -8.14 -12.55
CA SER A 55 5.57 -7.37 -11.34
C SER A 55 5.17 -8.15 -10.08
N ARG A 56 4.76 -9.41 -10.19
CA ARG A 56 4.21 -10.14 -9.02
C ARG A 56 5.36 -10.50 -8.10
N ILE A 57 5.12 -10.53 -6.79
CA ILE A 57 6.12 -11.01 -5.80
C ILE A 57 6.07 -12.52 -5.81
N LYS A 58 7.20 -13.15 -5.91
CA LYS A 58 7.28 -14.63 -5.83
C LYS A 58 7.77 -15.03 -4.44
N LEU A 59 7.06 -15.96 -3.82
CA LEU A 59 7.56 -16.63 -2.58
C LEU A 59 8.69 -17.58 -2.96
N HIS A 60 9.72 -17.69 -2.12
CA HIS A 60 10.83 -18.69 -2.27
C HIS A 60 10.43 -20.05 -1.68
N GLN A 61 9.28 -20.64 -2.05
CA GLN A 61 8.86 -22.02 -1.64
C GLN A 61 8.62 -22.75 -2.96
N GLU A 62 9.18 -23.95 -3.14
CA GLU A 62 9.27 -24.65 -4.45
C GLU A 62 7.88 -25.10 -4.91
N ASP A 63 7.02 -25.41 -3.94
CA ASP A 63 5.66 -25.95 -4.14
C ASP A 63 4.83 -24.94 -4.97
N ASN A 64 4.48 -23.81 -4.38
CA ASN A 64 3.61 -22.77 -5.00
C ASN A 64 4.18 -21.41 -4.62
N ASP A 65 4.66 -20.64 -5.58
CA ASP A 65 5.38 -19.38 -5.27
C ASP A 65 4.38 -18.21 -5.21
N TYR A 66 3.09 -18.47 -5.27
CA TYR A 66 2.11 -17.40 -5.57
C TYR A 66 1.60 -16.69 -4.29
N ILE A 67 1.57 -15.36 -4.37
CA ILE A 67 0.86 -14.49 -3.43
C ILE A 67 0.29 -13.34 -4.24
N ASN A 68 -0.87 -12.88 -3.84
CA ASN A 68 -1.46 -11.68 -4.43
C ASN A 68 -0.74 -10.45 -3.89
N ALA A 69 0.36 -10.10 -4.55
CA ALA A 69 1.22 -8.98 -4.21
C ALA A 69 1.98 -8.54 -5.47
N SER A 70 2.20 -7.23 -5.57
CA SER A 70 2.89 -6.58 -6.70
C SER A 70 4.00 -5.67 -6.15
N LEU A 71 5.15 -5.64 -6.83
CA LEU A 71 6.22 -4.64 -6.63
C LEU A 71 5.98 -3.45 -7.54
N ILE A 72 5.76 -2.27 -6.94
N ILE A 72 5.68 -2.29 -6.93
CA ILE A 72 5.65 -0.97 -7.64
CA ILE A 72 5.66 -0.96 -7.60
C ILE A 72 6.99 -0.23 -7.52
C ILE A 72 7.08 -0.40 -7.49
N LYS A 73 7.72 -0.11 -8.64
CA LYS A 73 9.08 0.47 -8.68
C LYS A 73 8.96 1.86 -9.30
N MET A 74 9.18 2.93 -8.52
CA MET A 74 9.13 4.32 -9.03
C MET A 74 10.59 4.78 -9.15
N GLU A 75 11.15 4.55 -10.32
CA GLU A 75 12.57 4.75 -10.68
C GLU A 75 13.03 6.18 -10.36
N GLU A 76 12.33 7.18 -10.86
CA GLU A 76 12.74 8.58 -10.63
C GLU A 76 12.70 8.91 -9.14
N ALA A 77 11.70 8.43 -8.37
CA ALA A 77 11.57 8.78 -6.93
C ALA A 77 12.47 7.92 -6.05
N GLN A 78 13.03 6.84 -6.61
N GLN A 78 13.07 6.88 -6.64
CA GLN A 78 13.89 5.88 -5.87
CA GLN A 78 13.85 5.81 -5.95
C GLN A 78 13.06 5.27 -4.73
C GLN A 78 13.04 5.33 -4.74
N ARG A 79 11.78 5.00 -4.98
CA ARG A 79 10.85 4.41 -3.99
C ARG A 79 10.33 3.12 -4.60
N SER A 80 10.28 2.07 -3.80
N SER A 80 10.21 2.08 -3.78
CA SER A 80 9.58 0.81 -4.12
CA SER A 80 9.58 0.80 -4.17
C SER A 80 8.49 0.58 -3.07
C SER A 80 8.61 0.36 -3.05
N TYR A 81 7.43 -0.13 -3.45
CA TYR A 81 6.35 -0.52 -2.52
C TYR A 81 5.90 -1.89 -2.96
N ILE A 82 5.55 -2.73 -1.99
CA ILE A 82 4.79 -3.96 -2.25
C ILE A 82 3.36 -3.63 -1.88
N LEU A 83 2.47 -3.76 -2.84
CA LEU A 83 1.01 -3.66 -2.57
C LEU A 83 0.44 -5.06 -2.58
N THR A 84 -0.36 -5.38 -1.58
CA THR A 84 -0.92 -6.73 -1.42
C THR A 84 -2.35 -6.59 -0.87
N GLN A 85 -3.06 -7.68 -0.95
CA GLN A 85 -4.41 -7.79 -0.39
C GLN A 85 -4.27 -8.02 1.11
N GLY A 86 -5.33 -7.76 1.83
CA GLY A 86 -5.38 -8.17 3.25
C GLY A 86 -5.29 -9.68 3.27
N PRO A 87 -4.41 -10.29 4.07
CA PRO A 87 -4.30 -11.73 4.07
C PRO A 87 -5.63 -12.43 4.42
N LEU A 88 -5.75 -13.61 3.86
CA LEU A 88 -6.81 -14.58 4.11
C LEU A 88 -6.36 -15.51 5.24
N PRO A 89 -7.32 -16.20 5.90
CA PRO A 89 -7.02 -17.19 6.94
C PRO A 89 -5.93 -18.14 6.46
N ASN A 90 -5.97 -18.53 5.20
CA ASN A 90 -5.00 -19.53 4.69
C ASN A 90 -3.74 -18.85 4.13
N THR A 91 -3.60 -17.52 4.07
CA THR A 91 -2.39 -16.91 3.48
C THR A 91 -1.61 -16.09 4.50
N VAL A 92 -1.97 -16.13 5.79
CA VAL A 92 -1.27 -15.32 6.82
C VAL A 92 0.19 -15.75 6.86
N GLY A 93 0.45 -17.04 6.73
CA GLY A 93 1.84 -17.54 6.74
C GLY A 93 2.62 -17.08 5.53
N HIS A 94 1.98 -17.03 4.37
CA HIS A 94 2.62 -16.57 3.09
C HIS A 94 2.96 -15.09 3.21
N PHE A 95 2.05 -14.32 3.82
CA PHE A 95 2.21 -12.88 4.02
C PHE A 95 3.52 -12.65 4.79
N TRP A 96 3.71 -13.36 5.90
CA TRP A 96 4.90 -13.09 6.75
C TRP A 96 6.16 -13.65 6.07
N GLU A 97 6.02 -14.74 5.33
CA GLU A 97 7.15 -15.28 4.51
C GLU A 97 7.60 -14.18 3.52
N MET A 98 6.65 -13.51 2.87
CA MET A 98 6.99 -12.42 1.92
C MET A 98 7.72 -11.31 2.65
N VAL A 99 7.19 -10.87 3.81
CA VAL A 99 7.86 -9.80 4.60
C VAL A 99 9.32 -10.20 4.89
N TRP A 100 9.50 -11.45 5.30
CA TRP A 100 10.82 -11.98 5.65
C TRP A 100 11.72 -11.94 4.40
N GLU A 101 11.27 -12.56 3.30
CA GLU A 101 12.09 -12.77 2.08
C GLU A 101 12.42 -11.44 1.42
N GLN A 102 11.54 -10.46 1.45
CA GLN A 102 11.77 -9.14 0.82
C GLN A 102 12.49 -8.14 1.73
N LYS A 103 12.77 -8.50 3.00
CA LYS A 103 13.55 -7.66 3.97
C LYS A 103 12.85 -6.37 4.27
N SER A 104 11.53 -6.37 4.18
CA SER A 104 10.70 -5.23 4.57
C SER A 104 10.91 -4.91 6.05
N ARG A 105 10.96 -3.62 6.37
N ARG A 105 10.86 -3.62 6.38
CA ARG A 105 10.99 -3.06 7.75
CA ARG A 105 11.00 -3.07 7.75
C ARG A 105 9.55 -2.85 8.23
C ARG A 105 9.63 -2.61 8.27
N GLY A 106 8.70 -2.29 7.37
CA GLY A 106 7.37 -1.77 7.75
C GLY A 106 6.25 -2.47 7.00
N VAL A 107 5.10 -2.56 7.66
CA VAL A 107 3.80 -2.98 7.11
C VAL A 107 2.85 -1.83 7.39
N VAL A 108 2.21 -1.34 6.34
CA VAL A 108 1.20 -0.26 6.41
C VAL A 108 -0.18 -0.85 6.14
N MET A 109 -1.08 -0.73 7.10
CA MET A 109 -2.42 -1.31 7.02
C MET A 109 -3.42 -0.17 7.04
N LEU A 110 -4.29 -0.07 6.03
CA LEU A 110 -5.15 1.10 5.88
C LEU A 110 -6.62 0.75 6.07
N ASN A 111 -6.90 -0.42 6.64
CA ASN A 111 -8.31 -0.84 6.86
C ASN A 111 -8.42 -1.36 8.30
N ARG A 112 -9.66 -1.51 8.78
CA ARG A 112 -9.99 -2.27 10.01
C ARG A 112 -10.25 -3.69 9.60
N VAL A 113 -10.08 -4.61 10.53
CA VAL A 113 -10.35 -6.05 10.27
C VAL A 113 -11.80 -6.26 9.89
N MET A 114 -12.69 -5.51 10.53
CA MET A 114 -14.11 -5.58 10.16
C MET A 114 -14.53 -4.19 9.68
N GLU A 115 -15.16 -4.14 8.52
CA GLU A 115 -15.81 -2.89 8.08
C GLU A 115 -17.12 -3.26 7.40
N LYS A 116 -18.14 -2.41 7.53
CA LYS A 116 -19.48 -2.68 6.96
C LYS A 116 -19.97 -4.07 7.42
N GLY A 117 -19.67 -4.47 8.66
CA GLY A 117 -20.13 -5.77 9.20
C GLY A 117 -19.56 -7.01 8.54
N SER A 118 -18.50 -6.91 7.72
CA SER A 118 -17.83 -8.09 7.11
C SER A 118 -16.31 -8.07 7.41
N LEU A 119 -15.68 -9.22 7.30
CA LEU A 119 -14.24 -9.32 7.58
C LEU A 119 -13.52 -8.91 6.29
N LYS A 120 -12.67 -7.90 6.41
CA LYS A 120 -11.89 -7.34 5.27
C LYS A 120 -10.48 -7.95 5.21
N CYS A 121 -10.13 -8.72 6.24
CA CYS A 121 -8.75 -9.10 6.56
C CYS A 121 -8.71 -10.13 7.70
N ALA A 122 -7.85 -11.12 7.65
CA ALA A 122 -7.52 -11.98 8.80
C ALA A 122 -6.73 -11.15 9.83
N GLN A 123 -6.90 -11.50 11.09
CA GLN A 123 -6.14 -10.95 12.22
C GLN A 123 -4.75 -11.59 12.09
N TYR A 124 -3.74 -10.92 11.54
CA TYR A 124 -2.49 -11.61 11.14
C TYR A 124 -1.36 -11.24 12.10
N TRP A 125 -1.66 -10.48 13.16
CA TRP A 125 -0.65 -10.13 14.20
C TRP A 125 -1.20 -10.41 15.60
N PRO A 126 -0.33 -10.59 16.62
CA PRO A 126 -0.77 -10.96 17.96
C PRO A 126 -1.41 -9.77 18.69
N GLN A 127 -2.39 -10.06 19.53
CA GLN A 127 -3.13 -9.00 20.26
C GLN A 127 -2.48 -8.75 21.62
N LYS A 128 -1.63 -9.66 22.08
CA LYS A 128 -1.04 -9.53 23.43
C LYS A 128 0.39 -10.01 23.41
N GLU A 129 1.24 -9.33 24.16
CA GLU A 129 2.68 -9.68 24.30
C GLU A 129 2.84 -11.17 24.53
N GLU A 130 2.06 -11.75 25.46
CA GLU A 130 2.39 -13.10 25.98
C GLU A 130 1.77 -14.16 25.08
N LYS A 131 1.02 -13.77 24.03
CA LYS A 131 0.34 -14.75 23.14
C LYS A 131 0.91 -14.61 21.73
N GLU A 132 2.07 -15.19 21.47
CA GLU A 132 2.75 -15.07 20.18
C GLU A 132 2.02 -15.94 19.14
N MET A 133 2.30 -15.75 17.85
CA MET A 133 1.71 -16.55 16.75
C MET A 133 2.82 -17.34 16.08
N ILE A 134 2.55 -18.60 15.82
CA ILE A 134 3.47 -19.50 15.07
C ILE A 134 2.75 -19.84 13.75
N PHE A 135 3.44 -19.66 12.63
CA PHE A 135 2.92 -20.02 11.29
C PHE A 135 3.69 -21.29 10.95
N GLU A 136 3.04 -22.43 11.11
CA GLU A 136 3.66 -23.78 10.96
C GLU A 136 4.06 -24.00 9.49
N ASP A 137 3.19 -23.60 8.55
CA ASP A 137 3.43 -23.77 7.09
C ASP A 137 4.71 -23.04 6.68
N THR A 138 5.07 -21.89 7.26
CA THR A 138 6.25 -21.13 6.77
C THR A 138 7.33 -21.02 7.83
N ASN A 139 7.13 -21.61 9.01
CA ASN A 139 8.22 -21.75 10.01
C ASN A 139 8.67 -20.40 10.56
N LEU A 140 7.70 -19.57 10.91
CA LEU A 140 7.93 -18.20 11.40
C LEU A 140 7.17 -18.03 12.72
N LYS A 141 7.76 -17.23 13.59
CA LYS A 141 7.14 -16.86 14.86
C LYS A 141 7.09 -15.35 14.91
N LEU A 142 5.95 -14.85 15.37
CA LEU A 142 5.67 -13.41 15.43
C LEU A 142 5.27 -13.06 16.86
N THR A 143 5.92 -12.08 17.47
CA THR A 143 5.61 -11.61 18.84
C THR A 143 5.31 -10.12 18.85
N LEU A 144 4.26 -9.73 19.53
CA LEU A 144 4.04 -8.31 19.80
C LEU A 144 5.00 -7.86 20.92
N ILE A 145 5.77 -6.80 20.65
CA ILE A 145 6.78 -6.24 21.57
C ILE A 145 6.15 -5.05 22.27
N SER A 146 5.52 -4.18 21.52
CA SER A 146 4.89 -2.97 22.06
C SER A 146 3.85 -2.46 21.09
N GLU A 147 2.94 -1.66 21.62
CA GLU A 147 1.77 -1.11 20.90
C GLU A 147 1.57 0.32 21.41
N ASP A 148 1.50 1.30 20.50
CA ASP A 148 1.26 2.70 20.85
C ASP A 148 0.00 3.11 20.11
N ILE A 149 -1.10 3.27 20.83
CA ILE A 149 -2.44 3.57 20.26
C ILE A 149 -2.62 5.06 20.33
N LYS A 150 -2.84 5.70 19.20
CA LYS A 150 -3.12 7.15 19.10
C LYS A 150 -4.50 7.28 18.52
N SER A 151 -4.95 8.52 18.39
CA SER A 151 -6.33 8.87 17.98
C SER A 151 -6.66 8.28 16.60
N TYR A 152 -5.76 8.46 15.63
CA TYR A 152 -5.99 8.19 14.18
C TYR A 152 -5.24 6.94 13.71
N TYR A 153 -4.25 6.46 14.48
CA TYR A 153 -3.42 5.31 14.08
C TYR A 153 -2.80 4.66 15.32
N THR A 154 -2.36 3.44 15.11
CA THR A 154 -1.64 2.60 16.08
C THR A 154 -0.34 2.18 15.42
N VAL A 155 0.75 2.19 16.17
CA VAL A 155 2.05 1.66 15.73
C VAL A 155 2.34 0.50 16.63
N ARG A 156 2.75 -0.60 16.04
CA ARG A 156 3.14 -1.78 16.81
C ARG A 156 4.56 -2.15 16.42
N GLN A 157 5.38 -2.46 17.42
N GLN A 157 5.29 -2.64 17.40
CA GLN A 157 6.70 -3.13 17.22
CA GLN A 157 6.67 -3.14 17.27
C GLN A 157 6.45 -4.64 17.29
C GLN A 157 6.59 -4.67 17.37
N LEU A 158 6.94 -5.37 16.29
CA LEU A 158 6.76 -6.82 16.22
C LEU A 158 8.15 -7.39 16.08
N GLU A 159 8.34 -8.60 16.59
CA GLU A 159 9.55 -9.39 16.33
C GLU A 159 9.14 -10.57 15.47
N LEU A 160 9.80 -10.74 14.32
CA LEU A 160 9.57 -11.87 13.42
C LEU A 160 10.81 -12.72 13.56
N GLU A 161 10.62 -13.99 13.82
CA GLU A 161 11.73 -14.94 14.00
C GLU A 161 11.58 -16.03 12.95
N ASN A 162 12.67 -16.27 12.24
CA ASN A 162 12.80 -17.41 11.32
C ASN A 162 13.16 -18.63 12.15
N LEU A 163 12.23 -19.56 12.35
CA LEU A 163 12.42 -20.70 13.27
C LEU A 163 13.49 -21.63 12.68
N THR A 164 13.69 -21.57 11.37
CA THR A 164 14.65 -22.42 10.61
C THR A 164 16.09 -22.00 10.96
N THR A 165 16.36 -20.71 11.10
CA THR A 165 17.74 -20.14 11.22
C THR A 165 17.89 -19.36 12.52
N GLN A 166 16.82 -19.23 13.30
CA GLN A 166 16.81 -18.47 14.57
C GLN A 166 17.25 -17.02 14.36
N GLU A 167 17.24 -16.49 13.13
CA GLU A 167 17.36 -15.01 12.95
C GLU A 167 16.06 -14.32 13.37
N THR A 168 16.17 -13.09 13.86
CA THR A 168 15.02 -12.27 14.25
C THR A 168 15.17 -10.91 13.60
N ARG A 169 14.04 -10.31 13.28
CA ARG A 169 14.00 -8.94 12.79
C ARG A 169 12.86 -8.23 13.46
N GLU A 170 13.04 -6.92 13.64
CA GLU A 170 11.99 -6.02 14.14
C GLU A 170 11.18 -5.47 12.95
N ILE A 171 9.87 -5.66 12.97
CA ILE A 171 8.95 -5.11 11.94
C ILE A 171 8.09 -4.04 12.63
N LEU A 172 7.90 -2.90 12.00
CA LEU A 172 6.96 -1.88 12.45
C LEU A 172 5.64 -2.03 11.68
N HIS A 173 4.55 -2.12 12.40
CA HIS A 173 3.17 -2.20 11.87
C HIS A 173 2.52 -0.85 12.09
N PHE A 174 2.19 -0.17 11.00
CA PHE A 174 1.51 1.11 11.01
C PHE A 174 0.09 0.89 10.58
N HIS A 175 -0.84 1.16 11.47
CA HIS A 175 -2.25 0.83 11.26
C HIS A 175 -3.03 2.11 11.31
N TYR A 176 -3.47 2.61 10.15
CA TYR A 176 -4.38 3.77 10.09
C TYR A 176 -5.79 3.26 10.37
N THR A 177 -6.40 3.75 11.44
CA THR A 177 -7.61 3.10 12.05
C THR A 177 -8.85 3.94 11.77
N THR A 178 -8.77 5.09 11.14
CA THR A 178 -9.90 6.05 11.09
C THR A 178 -10.35 6.33 9.67
N TRP A 179 -9.94 5.52 8.69
CA TRP A 179 -10.50 5.70 7.34
C TRP A 179 -11.99 5.33 7.42
N PRO A 180 -12.93 6.18 6.99
CA PRO A 180 -14.34 5.86 7.16
C PRO A 180 -14.80 4.69 6.27
N ASP A 181 -15.83 3.97 6.75
CA ASP A 181 -16.47 2.81 6.08
C ASP A 181 -16.88 3.22 4.65
N PHE A 182 -17.37 4.44 4.48
CA PHE A 182 -17.85 4.97 3.17
C PHE A 182 -17.08 6.26 2.81
N GLY A 183 -16.70 6.39 1.55
CA GLY A 183 -16.06 7.61 1.06
C GLY A 183 -14.63 7.76 1.57
N VAL A 184 -14.21 9.00 1.79
CA VAL A 184 -12.79 9.31 2.09
C VAL A 184 -12.82 10.26 3.26
N PRO A 185 -11.71 10.45 4.00
CA PRO A 185 -11.69 11.46 5.06
C PRO A 185 -12.00 12.84 4.48
N GLU A 186 -12.62 13.70 5.29
CA GLU A 186 -13.00 15.10 4.90
C GLU A 186 -11.72 15.92 4.71
N SER A 187 -10.78 15.80 5.64
CA SER A 187 -9.46 16.49 5.58
C SER A 187 -8.33 15.46 5.43
N PRO A 188 -7.29 15.74 4.62
CA PRO A 188 -6.13 14.87 4.56
C PRO A 188 -5.10 15.04 5.68
N ALA A 189 -5.40 15.86 6.68
CA ALA A 189 -4.43 16.21 7.73
C ALA A 189 -3.97 14.93 8.43
N SER A 190 -4.86 14.09 8.90
CA SER A 190 -4.41 12.95 9.74
C SER A 190 -3.73 11.91 8.84
N PHE A 191 -4.16 11.78 7.60
CA PHE A 191 -3.51 10.87 6.63
C PHE A 191 -2.07 11.31 6.36
N LEU A 192 -1.85 12.61 6.15
CA LEU A 192 -0.47 13.14 5.90
C LEU A 192 0.38 12.96 7.15
N ASN A 193 -0.13 13.25 8.35
N ASN A 193 -0.13 13.26 8.32
CA ASN A 193 0.65 13.00 9.59
CA ASN A 193 0.62 13.01 9.57
C ASN A 193 1.06 11.52 9.61
C ASN A 193 1.06 11.54 9.58
N PHE A 194 0.11 10.62 9.33
CA PHE A 194 0.38 9.17 9.30
C PHE A 194 1.52 8.88 8.31
N LEU A 195 1.44 9.47 7.11
CA LEU A 195 2.47 9.26 6.05
C LEU A 195 3.85 9.65 6.61
N PHE A 196 3.99 10.85 7.18
CA PHE A 196 5.31 11.35 7.65
C PHE A 196 5.79 10.48 8.81
N LYS A 197 4.88 9.92 9.60
CA LYS A 197 5.25 8.97 10.67
C LYS A 197 5.90 7.73 10.05
N VAL A 198 5.30 7.16 9.01
CA VAL A 198 5.90 5.96 8.34
C VAL A 198 7.29 6.37 7.82
N ARG A 199 7.40 7.56 7.23
CA ARG A 199 8.69 8.03 6.65
C ARG A 199 9.72 8.17 7.78
N GLU A 200 9.34 8.88 8.84
CA GLU A 200 10.27 9.11 9.98
C GLU A 200 10.81 7.81 10.52
N SER A 201 10.09 6.71 10.37
CA SER A 201 10.46 5.39 10.93
C SER A 201 11.66 4.81 10.19
N GLY A 202 11.91 5.27 8.96
CA GLY A 202 12.93 4.64 8.10
C GLY A 202 12.38 3.50 7.24
N SER A 203 11.09 3.18 7.33
CA SER A 203 10.46 2.01 6.66
C SER A 203 10.43 2.18 5.12
N LEU A 204 10.54 3.42 4.62
CA LEU A 204 10.46 3.76 3.17
C LEU A 204 11.85 4.00 2.62
N SER A 205 12.88 3.69 3.39
CA SER A 205 14.25 4.07 3.01
C SER A 205 14.93 2.94 2.26
N PRO A 206 15.85 3.28 1.33
CA PRO A 206 16.46 2.28 0.46
C PRO A 206 17.37 1.25 1.13
N GLU A 207 17.76 1.50 2.37
N GLU A 207 17.74 1.47 2.39
CA GLU A 207 18.51 0.55 3.23
CA GLU A 207 18.54 0.52 3.20
C GLU A 207 17.69 -0.75 3.35
C GLU A 207 17.67 -0.63 3.71
N HIS A 208 16.36 -0.62 3.41
CA HIS A 208 15.46 -1.76 3.68
C HIS A 208 14.83 -2.23 2.38
N GLY A 209 14.27 -3.43 2.42
CA GLY A 209 13.33 -3.92 1.41
C GLY A 209 12.10 -3.02 1.37
N PRO A 210 11.30 -3.20 0.31
CA PRO A 210 10.13 -2.34 0.14
C PRO A 210 9.14 -2.53 1.30
N VAL A 211 8.53 -1.44 1.65
CA VAL A 211 7.38 -1.43 2.56
C VAL A 211 6.25 -2.27 1.95
N VAL A 212 5.53 -3.00 2.81
CA VAL A 212 4.29 -3.71 2.46
C VAL A 212 3.11 -2.85 2.81
N VAL A 213 2.30 -2.55 1.81
CA VAL A 213 1.10 -1.70 1.99
C VAL A 213 -0.12 -2.54 1.63
N HIS A 214 -1.16 -2.50 2.46
CA HIS A 214 -2.41 -3.21 2.10
C HIS A 214 -3.64 -2.49 2.65
N CYS A 215 -4.74 -2.72 1.97
CA CYS A 215 -6.12 -2.50 2.53
C CYS A 215 -6.80 -3.87 2.38
N SER A 216 -8.06 -3.95 1.94
N SER A 216 -8.07 -3.91 1.97
CA SER A 216 -8.69 -5.26 1.69
CA SER A 216 -8.80 -5.16 1.65
C SER A 216 -8.19 -5.82 0.35
C SER A 216 -8.23 -5.78 0.38
N ALA A 217 -8.31 -5.04 -0.73
CA ALA A 217 -7.90 -5.50 -2.08
C ALA A 217 -6.43 -5.11 -2.40
N GLY A 218 -5.88 -4.11 -1.71
CA GLY A 218 -4.54 -3.59 -2.04
C GLY A 218 -4.53 -2.70 -3.28
N ILE A 219 -5.59 -1.94 -3.57
CA ILE A 219 -5.57 -1.10 -4.81
C ILE A 219 -6.10 0.30 -4.52
N GLY A 220 -7.06 0.45 -3.59
CA GLY A 220 -7.74 1.74 -3.42
C GLY A 220 -7.02 2.64 -2.45
N ARG A 221 -7.25 2.43 -1.15
CA ARG A 221 -6.55 3.24 -0.12
C ARG A 221 -5.03 3.07 -0.27
N SER A 222 -4.58 1.85 -0.51
CA SER A 222 -3.15 1.51 -0.68
C SER A 222 -2.57 2.36 -1.83
N GLY A 223 -3.34 2.50 -2.89
CA GLY A 223 -3.00 3.35 -4.04
C GLY A 223 -2.80 4.80 -3.64
N THR A 224 -3.71 5.33 -2.83
N THR A 224 -3.70 5.35 -2.83
CA THR A 224 -3.67 6.75 -2.36
CA THR A 224 -3.64 6.76 -2.37
C THR A 224 -2.40 6.98 -1.54
C THR A 224 -2.35 6.97 -1.57
N PHE A 225 -2.02 6.00 -0.72
CA PHE A 225 -0.83 6.10 0.14
C PHE A 225 0.42 6.27 -0.74
N CYS A 226 0.66 5.36 -1.69
N CYS A 226 0.64 5.34 -1.67
CA CYS A 226 1.93 5.39 -2.48
CA CYS A 226 1.84 5.32 -2.55
C CYS A 226 1.87 6.45 -3.59
C CYS A 226 1.84 6.56 -3.45
N LEU A 227 0.69 6.89 -4.04
CA LEU A 227 0.57 8.03 -4.95
C LEU A 227 1.01 9.33 -4.22
N ALA A 228 0.51 9.59 -3.02
CA ALA A 228 0.84 10.80 -2.26
C ALA A 228 2.32 10.78 -1.93
N ASP A 229 2.84 9.69 -1.40
CA ASP A 229 4.28 9.62 -1.05
C ASP A 229 5.17 9.96 -2.27
N THR A 230 4.96 9.27 -3.38
CA THR A 230 5.78 9.40 -4.59
C THR A 230 5.66 10.83 -5.11
N CYS A 231 4.48 11.38 -5.24
CA CYS A 231 4.29 12.75 -5.75
C CYS A 231 5.03 13.79 -4.88
N LEU A 232 4.92 13.70 -3.56
CA LEU A 232 5.60 14.64 -2.64
C LEU A 232 7.13 14.52 -2.77
N LEU A 233 7.64 13.30 -2.89
N LEU A 233 7.63 13.29 -2.88
CA LEU A 233 9.09 13.03 -3.06
CA LEU A 233 9.07 12.99 -3.08
C LEU A 233 9.58 13.66 -4.37
C LEU A 233 9.57 13.65 -4.37
N LEU A 234 8.81 13.53 -5.46
CA LEU A 234 9.21 14.07 -6.77
C LEU A 234 9.26 15.60 -6.73
N MET A 235 8.39 16.23 -5.94
CA MET A 235 8.36 17.71 -5.76
C MET A 235 9.63 18.16 -5.03
N ASP A 236 10.16 17.33 -4.12
CA ASP A 236 11.42 17.64 -3.42
C ASP A 236 12.60 17.56 -4.39
N LYS A 237 12.52 16.67 -5.38
CA LYS A 237 13.68 16.22 -6.15
C LYS A 237 13.81 17.13 -7.37
N ARG A 238 12.71 17.61 -7.93
CA ARG A 238 12.73 18.28 -9.25
C ARG A 238 13.05 19.78 -9.14
N LYS A 239 13.72 20.29 -10.18
CA LYS A 239 14.05 21.72 -10.33
C LYS A 239 12.73 22.52 -10.32
N ASP A 240 11.73 22.02 -11.03
CA ASP A 240 10.38 22.64 -11.10
C ASP A 240 9.36 21.71 -10.47
N PRO A 241 9.04 21.91 -9.17
CA PRO A 241 7.99 21.15 -8.48
C PRO A 241 6.62 21.00 -9.16
N SER A 242 6.21 21.98 -9.97
CA SER A 242 4.89 22.00 -10.63
C SER A 242 4.96 21.20 -11.94
N SER A 243 6.09 20.63 -12.30
CA SER A 243 6.16 19.64 -13.42
C SER A 243 5.52 18.31 -12.99
N VAL A 244 5.14 18.15 -11.73
CA VAL A 244 4.63 16.84 -11.24
C VAL A 244 3.18 16.70 -11.63
N ASP A 245 2.88 15.76 -12.51
CA ASP A 245 1.49 15.52 -12.96
C ASP A 245 0.99 14.22 -12.25
N ILE A 246 0.04 14.37 -11.33
N ILE A 246 0.06 14.37 -11.32
CA ILE A 246 -0.48 13.26 -10.49
CA ILE A 246 -0.52 13.25 -10.52
C ILE A 246 -1.12 12.18 -11.39
C ILE A 246 -1.01 12.16 -11.48
N LYS A 247 -1.75 12.57 -12.51
CA LYS A 247 -2.40 11.62 -13.46
C LYS A 247 -1.31 10.78 -14.09
N LYS A 248 -0.18 11.39 -14.45
CA LYS A 248 0.92 10.65 -15.11
C LYS A 248 1.54 9.67 -14.11
N VAL A 249 1.75 10.13 -12.88
CA VAL A 249 2.35 9.27 -11.84
C VAL A 249 1.42 8.07 -11.61
N LEU A 250 0.12 8.30 -11.50
CA LEU A 250 -0.87 7.21 -11.28
C LEU A 250 -0.78 6.21 -12.42
N LEU A 251 -0.71 6.69 -13.67
CA LEU A 251 -0.64 5.77 -14.84
C LEU A 251 0.65 4.96 -14.80
N GLU A 252 1.77 5.57 -14.39
N GLU A 252 1.77 5.56 -14.37
CA GLU A 252 3.07 4.86 -14.26
CA GLU A 252 3.03 4.80 -14.21
C GLU A 252 2.93 3.76 -13.19
C GLU A 252 2.79 3.67 -13.19
N MET A 253 2.21 4.05 -12.11
N MET A 253 2.26 3.99 -12.00
CA MET A 253 2.04 3.08 -10.99
CA MET A 253 2.06 2.97 -10.95
C MET A 253 1.14 1.94 -11.48
C MET A 253 1.13 1.89 -11.49
N ARG A 254 0.11 2.28 -12.26
CA ARG A 254 -0.83 1.27 -12.83
C ARG A 254 -0.17 0.33 -13.83
N LYS A 255 1.05 0.58 -14.25
CA LYS A 255 1.79 -0.45 -15.05
C LYS A 255 2.14 -1.65 -14.18
N PHE A 256 2.15 -1.46 -12.84
CA PHE A 256 2.69 -2.46 -11.90
C PHE A 256 1.59 -3.21 -11.15
N ARG A 257 0.45 -2.58 -10.98
CA ARG A 257 -0.72 -3.24 -10.35
C ARG A 257 -1.97 -2.53 -10.83
N MET A 258 -2.98 -3.31 -11.21
CA MET A 258 -4.21 -2.81 -11.80
C MET A 258 -5.02 -2.06 -10.76
N GLY A 259 -5.79 -1.07 -11.20
CA GLY A 259 -6.91 -0.53 -10.44
C GLY A 259 -6.51 0.37 -9.30
N LEU A 260 -5.26 0.74 -9.16
CA LEU A 260 -4.85 1.67 -8.09
C LEU A 260 -5.71 2.93 -8.15
N ILE A 261 -6.33 3.30 -7.03
CA ILE A 261 -7.34 4.39 -6.88
C ILE A 261 -8.62 3.86 -7.50
N GLN A 262 -9.58 3.53 -6.65
N GLN A 262 -9.60 3.50 -6.66
CA GLN A 262 -10.78 2.72 -7.03
CA GLN A 262 -10.77 2.69 -7.07
C GLN A 262 -11.95 3.63 -7.42
C GLN A 262 -12.03 3.57 -7.27
N THR A 263 -11.97 4.86 -6.94
CA THR A 263 -13.12 5.78 -7.13
C THR A 263 -12.60 7.18 -7.43
N ALA A 264 -13.47 7.98 -8.03
CA ALA A 264 -13.22 9.41 -8.34
C ALA A 264 -13.02 10.20 -7.05
N ASP A 265 -13.63 9.76 -5.96
CA ASP A 265 -13.45 10.36 -4.62
C ASP A 265 -12.03 10.12 -4.14
N GLN A 266 -11.50 8.92 -4.34
CA GLN A 266 -10.10 8.61 -3.93
C GLN A 266 -9.13 9.48 -4.76
N LEU A 267 -9.43 9.68 -6.03
CA LEU A 267 -8.60 10.53 -6.92
C LEU A 267 -8.61 11.96 -6.38
N ARG A 268 -9.79 12.53 -6.13
CA ARG A 268 -9.92 13.90 -5.56
C ARG A 268 -9.13 13.99 -4.25
N PHE A 269 -9.31 13.02 -3.37
CA PHE A 269 -8.60 12.94 -2.07
C PHE A 269 -7.08 12.94 -2.30
N SER A 270 -6.59 12.19 -3.27
CA SER A 270 -5.14 12.11 -3.59
C SER A 270 -4.61 13.49 -3.97
N TYR A 271 -5.34 14.21 -4.81
CA TYR A 271 -4.95 15.60 -5.19
C TYR A 271 -4.85 16.48 -3.95
N LEU A 272 -5.91 16.48 -3.14
N LEU A 272 -5.90 16.47 -3.13
CA LEU A 272 -6.01 17.25 -1.87
CA LEU A 272 -6.00 17.26 -1.88
C LEU A 272 -4.83 16.91 -0.97
C LEU A 272 -4.84 16.92 -0.95
N ALA A 273 -4.51 15.63 -0.81
CA ALA A 273 -3.39 15.19 0.06
C ALA A 273 -2.08 15.78 -0.46
N VAL A 274 -1.86 15.70 -1.77
CA VAL A 274 -0.56 16.14 -2.36
C VAL A 274 -0.49 17.67 -2.23
N ILE A 275 -1.58 18.35 -2.57
CA ILE A 275 -1.65 19.85 -2.53
C ILE A 275 -1.33 20.32 -1.12
N GLU A 276 -2.06 19.78 -0.14
CA GLU A 276 -1.92 20.18 1.29
C GLU A 276 -0.47 19.92 1.72
N GLY A 277 0.01 18.69 1.52
CA GLY A 277 1.39 18.29 1.86
C GLY A 277 2.41 19.27 1.26
N ALA A 278 2.31 19.51 -0.05
CA ALA A 278 3.17 20.46 -0.79
C ALA A 278 3.16 21.81 -0.06
N LYS A 279 1.97 22.38 0.12
CA LYS A 279 1.78 23.72 0.75
C LYS A 279 2.39 23.71 2.16
N PHE A 280 2.51 22.52 2.77
CA PHE A 280 3.06 22.34 4.14
C PHE A 280 4.60 22.48 4.07
N ILE A 281 5.16 22.59 2.86
CA ILE A 281 6.58 22.99 2.61
C ILE A 281 6.62 24.49 2.27
N MET A 282 5.86 24.91 1.25
CA MET A 282 5.94 26.27 0.63
C MET A 282 5.50 27.32 1.67
C TRS B . 9.58 -6.19 -15.61
C1 TRS B . 11.04 -6.25 -15.14
C2 TRS B . 8.77 -5.16 -14.81
C3 TRS B . 8.93 -7.58 -15.56
N TRS B . 9.57 -5.77 -17.04
O1 TRS B . 11.70 -5.01 -15.33
O2 TRS B . 8.23 -5.61 -13.56
O3 TRS B . 9.73 -8.55 -14.91
H11 TRS B . 11.51 -6.95 -15.65
H12 TRS B . 11.07 -6.49 -14.20
H21 TRS B . 8.03 -4.85 -15.36
H22 TRS B . 9.34 -4.39 -14.63
H31 TRS B . 8.76 -7.88 -16.47
H32 TRS B . 8.08 -7.51 -15.09
HN1 TRS B . 9.25 -6.41 -17.60
HN2 TRS B . 10.41 -5.56 -17.33
HN3 TRS B . 9.06 -5.03 -17.17
HO1 TRS B . 12.48 -5.06 -14.93
HO2 TRS B . 7.82 -4.94 -13.19
HO3 TRS B . 9.65 -8.41 -14.01
N1 GV1 C . 7.80 17.27 8.31
N3 GV1 C . 7.77 18.36 6.18
C4 GV1 C . 5.20 16.50 8.26
C5 GV1 C . 5.72 17.22 7.16
C6 GV1 C . 7.09 17.60 7.23
C7 GV1 C . 7.28 16.59 9.32
C8 GV1 C . 7.74 19.81 6.20
C10 GV1 C . 2.16 16.96 5.57
C1 GV1 C . 4.91 18.24 4.73
C2 GV1 C . 4.71 17.49 6.05
C3 GV1 C . 3.44 16.91 6.41
S1 GV1 C . 3.59 16.20 7.91
N2 GV1 C . 6.00 16.19 9.30
C9 GV1 C . 8.50 17.65 5.13
H1 GV1 C . 7.90 16.33 10.17
H2 GV1 C . 6.71 20.14 6.35
H3 GV1 C . 8.10 20.20 5.24
H4 GV1 C . 8.36 20.18 7.01
H5 GV1 C . 2.24 17.72 4.80
H6 GV1 C . 1.31 17.19 6.22
H7 GV1 C . 2.01 15.99 5.11
H8 GV1 C . 5.90 18.70 4.68
H9 GV1 C . 4.15 19.00 4.62
H10 GV1 C . 4.82 17.53 3.90
H11 GV1 C . 8.32 18.14 4.16
H12 GV1 C . 8.15 16.62 5.07
H13 GV1 C . 9.57 17.67 5.34
#